data_6MRF
#
_entry.id   6MRF
#
_cell.length_a   52.770
_cell.length_b   53.690
_cell.length_c   84.270
_cell.angle_alpha   90.000
_cell.angle_beta   90.000
_cell.angle_gamma   90.000
#
_symmetry.space_group_name_H-M   'P 21 21 21'
#
loop_
_entity.id
_entity.type
_entity.pdbx_description
1 polymer 'Methionine aminopeptidase'
2 non-polymer 1,2-ETHANEDIOL
3 non-polymer 'SODIUM ION'
4 water water
#
_entity_poly.entity_id   1
_entity_poly.type   'polypeptide(L)'
_entity_poly.pdbx_seq_one_letter_code
;MAHHHHHHMIKTPDEIEKMRIAGRLAAEVLDMIKPHIKAGVSTLELDTICRNHIENVQHAIPACVGYGGAPGRPAFQHSI
CTSVNHVVCHGIPSENKILKNGDILNIDVTVIKDGYHGDTNMMYIVGGETSILANRLCKVAQEAMYRGMATVRDGSYLGD
IGHAIQKYVESERFSVVREYCGHGIGTVFHDEPQVLHYGQAGTGMRLEAGMTFTIEPMVNAGVWQTKLLGDKWTVVTKDH
KLSAQYEHTILVTKTGIEVLTARPEEDLSR
;
_entity_poly.pdbx_strand_id   A
#
# COMPACT_ATOMS: atom_id res chain seq x y z
N MET A 9 -10.20 -3.99 -20.50
CA MET A 9 -9.49 -4.06 -19.23
C MET A 9 -10.16 -5.03 -18.26
N ILE A 10 -11.05 -5.86 -18.80
CA ILE A 10 -11.79 -6.84 -18.00
C ILE A 10 -10.95 -8.11 -17.90
N LYS A 11 -10.65 -8.53 -16.66
CA LYS A 11 -9.93 -9.77 -16.44
C LYS A 11 -10.85 -10.96 -16.67
N THR A 12 -10.30 -12.01 -17.27
CA THR A 12 -11.04 -13.25 -17.47
C THR A 12 -11.13 -14.01 -16.15
N PRO A 13 -12.07 -14.97 -16.04
CA PRO A 13 -12.12 -15.79 -14.82
C PRO A 13 -10.79 -16.44 -14.45
N ASP A 14 -10.06 -16.99 -15.42
CA ASP A 14 -8.75 -17.56 -15.12
C ASP A 14 -7.79 -16.50 -14.58
N GLU A 15 -7.76 -15.34 -15.24
CA GLU A 15 -6.91 -14.25 -14.75
C GLU A 15 -7.29 -13.85 -13.32
N ILE A 16 -8.59 -13.82 -13.03
CA ILE A 16 -9.03 -13.41 -11.70
C ILE A 16 -8.62 -14.45 -10.66
N GLU A 17 -8.74 -15.74 -10.99
CA GLU A 17 -8.34 -16.79 -10.06
C GLU A 17 -6.86 -16.67 -9.71
N LYS A 18 -6.01 -16.43 -10.71
CA LYS A 18 -4.59 -16.26 -10.43
C LYS A 18 -4.33 -15.02 -9.60
N MET A 19 -5.15 -13.97 -9.76
CA MET A 19 -4.94 -12.78 -8.95
C MET A 19 -5.41 -12.97 -7.52
N ARG A 20 -6.45 -13.80 -7.29
CA ARG A 20 -6.84 -14.13 -5.92
C ARG A 20 -5.69 -14.80 -5.17
N ILE A 21 -5.05 -15.77 -5.82
CA ILE A 21 -3.93 -16.48 -5.22
C ILE A 21 -2.80 -15.51 -4.90
N ALA A 22 -2.40 -14.71 -5.88
CA ALA A 22 -1.29 -13.79 -5.67
C ALA A 22 -1.63 -12.75 -4.61
N GLY A 23 -2.87 -12.26 -4.61
CA GLY A 23 -3.25 -11.28 -3.60
C GLY A 23 -3.21 -11.86 -2.19
N ARG A 24 -3.62 -13.12 -2.05
CA ARG A 24 -3.59 -13.75 -0.73
C ARG A 24 -2.15 -13.96 -0.27
N LEU A 25 -1.26 -14.33 -1.19
CA LEU A 25 0.14 -14.48 -0.83
C LEU A 25 0.75 -13.15 -0.40
N ALA A 26 0.41 -12.07 -1.08
CA ALA A 26 0.92 -10.78 -0.67
C ALA A 26 0.40 -10.40 0.71
N ALA A 27 -0.90 -10.58 0.96
CA ALA A 27 -1.45 -10.36 2.30
C ALA A 27 -0.70 -11.18 3.35
N GLU A 28 -0.37 -12.43 3.02
CA GLU A 28 0.32 -13.29 3.97
C GLU A 28 1.69 -12.74 4.34
N VAL A 29 2.39 -12.10 3.39
CA VAL A 29 3.68 -11.51 3.72
C VAL A 29 3.51 -10.45 4.81
N LEU A 30 2.50 -9.59 4.66
CA LEU A 30 2.32 -8.50 5.60
C LEU A 30 1.90 -8.99 6.98
N ASP A 31 1.17 -10.10 7.05
CA ASP A 31 0.82 -10.66 8.35
C ASP A 31 1.99 -11.40 8.98
N MET A 32 2.73 -12.20 8.20
CA MET A 32 3.75 -13.03 8.82
CA MET A 32 3.78 -13.04 8.77
C MET A 32 4.94 -12.21 9.29
N ILE A 33 5.16 -11.03 8.73
CA ILE A 33 6.33 -10.23 9.11
C ILE A 33 6.12 -9.53 10.44
N LYS A 34 4.87 -9.42 10.90
CA LYS A 34 4.53 -8.64 12.09
C LYS A 34 5.38 -8.97 13.32
N PRO A 35 5.54 -10.24 13.74
CA PRO A 35 6.30 -10.49 14.96
C PRO A 35 7.78 -10.18 14.84
N HIS A 36 8.29 -9.96 13.64
CA HIS A 36 9.68 -9.59 13.44
C HIS A 36 9.93 -8.10 13.59
N ILE A 37 8.88 -7.30 13.67
CA ILE A 37 9.00 -5.86 13.74
C ILE A 37 9.14 -5.49 15.21
N LYS A 38 10.36 -5.18 15.62
CA LYS A 38 10.60 -4.71 16.98
C LYS A 38 11.81 -3.78 16.95
N ALA A 39 11.96 -3.01 18.01
CA ALA A 39 13.11 -2.11 18.10
C ALA A 39 14.40 -2.90 17.97
N GLY A 40 15.35 -2.37 17.20
CA GLY A 40 16.64 -3.00 17.03
C GLY A 40 16.80 -3.77 15.73
N VAL A 41 15.70 -4.07 15.04
CA VAL A 41 15.74 -4.82 13.78
CA VAL A 41 15.78 -4.83 13.80
C VAL A 41 16.06 -3.87 12.65
N SER A 42 16.86 -4.32 11.69
CA SER A 42 17.14 -3.50 10.53
C SER A 42 16.08 -3.74 9.47
N THR A 43 15.87 -2.76 8.60
CA THR A 43 14.93 -3.00 7.53
C THR A 43 15.45 -4.02 6.52
N LEU A 44 16.78 -4.20 6.44
CA LEU A 44 17.32 -5.26 5.59
C LEU A 44 16.94 -6.63 6.12
N GLU A 45 16.98 -6.81 7.44
CA GLU A 45 16.57 -8.10 8.01
C GLU A 45 15.13 -8.42 7.64
N LEU A 46 14.25 -7.41 7.69
CA LEU A 46 12.88 -7.63 7.27
C LEU A 46 12.81 -8.04 5.80
N ASP A 47 13.60 -7.39 4.94
CA ASP A 47 13.65 -7.73 3.53
C ASP A 47 14.05 -9.19 3.32
N THR A 48 15.10 -9.64 4.02
CA THR A 48 15.56 -11.01 3.86
C THR A 48 14.49 -12.02 4.27
N ILE A 49 13.82 -11.76 5.38
CA ILE A 49 12.74 -12.64 5.86
C ILE A 49 11.62 -12.71 4.84
N CYS A 50 11.24 -11.56 4.28
CA CYS A 50 10.19 -11.55 3.27
C CYS A 50 10.63 -12.25 1.99
N ARG A 51 11.88 -12.05 1.56
CA ARG A 51 12.36 -12.72 0.35
C ARG A 51 12.35 -14.23 0.52
N ASN A 52 12.86 -14.71 1.65
CA ASN A 52 12.85 -16.14 1.90
C ASN A 52 11.43 -16.68 1.93
N HIS A 53 10.50 -15.92 2.53
CA HIS A 53 9.13 -16.41 2.60
C HIS A 53 8.52 -16.51 1.21
N ILE A 54 8.66 -15.44 0.42
CA ILE A 54 8.02 -15.40 -0.90
C ILE A 54 8.61 -16.46 -1.81
N GLU A 55 9.94 -16.53 -1.87
CA GLU A 55 10.59 -17.42 -2.83
C GLU A 55 10.56 -18.88 -2.36
N ASN A 56 10.78 -19.13 -1.07
CA ASN A 56 11.08 -20.48 -0.65
C ASN A 56 9.95 -21.16 0.12
N VAL A 57 8.99 -20.40 0.63
CA VAL A 57 7.84 -20.94 1.33
C VAL A 57 6.58 -20.86 0.47
N GLN A 58 6.33 -19.69 -0.12
CA GLN A 58 5.22 -19.54 -1.06
C GLN A 58 5.56 -20.02 -2.47
N HIS A 59 6.85 -20.23 -2.78
CA HIS A 59 7.28 -20.62 -4.12
C HIS A 59 6.74 -19.65 -5.17
N ALA A 60 6.88 -18.36 -4.87
CA ALA A 60 6.46 -17.28 -5.75
C ALA A 60 7.66 -16.38 -6.04
N ILE A 61 7.39 -15.26 -6.70
CA ILE A 61 8.42 -14.39 -7.23
C ILE A 61 8.28 -13.01 -6.58
N PRO A 62 9.31 -12.51 -5.92
CA PRO A 62 9.29 -11.14 -5.41
C PRO A 62 9.52 -10.15 -6.54
N ALA A 63 9.19 -8.88 -6.25
CA ALA A 63 9.17 -7.87 -7.29
C ALA A 63 10.54 -7.56 -7.89
N CYS A 64 11.63 -7.88 -7.18
CA CYS A 64 12.96 -7.57 -7.69
C CYS A 64 13.31 -8.40 -8.91
N VAL A 65 12.58 -9.47 -9.19
CA VAL A 65 12.79 -10.29 -10.38
C VAL A 65 11.88 -9.87 -11.54
N GLY A 66 10.73 -9.26 -11.26
CA GLY A 66 9.76 -8.91 -12.27
C GLY A 66 9.90 -7.50 -12.78
N TYR A 67 8.86 -7.04 -13.47
CA TYR A 67 8.84 -5.71 -14.05
C TYR A 67 8.00 -4.75 -13.21
N PHE A 76 14.26 -3.89 -8.02
CA PHE A 76 15.64 -3.45 -8.10
C PHE A 76 16.58 -4.51 -7.53
N GLN A 77 16.79 -4.46 -6.21
CA GLN A 77 17.60 -5.45 -5.52
C GLN A 77 16.96 -5.96 -4.24
N HIS A 78 15.72 -5.57 -3.94
CA HIS A 78 15.07 -5.95 -2.70
C HIS A 78 13.66 -6.45 -2.99
N SER A 79 13.14 -7.24 -2.06
CA SER A 79 11.83 -7.85 -2.23
CA SER A 79 11.83 -7.85 -2.23
C SER A 79 10.70 -6.98 -1.70
N ILE A 80 11.00 -6.04 -0.81
CA ILE A 80 9.99 -5.15 -0.23
C ILE A 80 10.55 -3.74 -0.22
N CYS A 81 9.65 -2.77 -0.09
CA CYS A 81 10.03 -1.42 0.24
C CYS A 81 9.69 -1.18 1.71
N THR A 82 10.63 -0.59 2.44
CA THR A 82 10.47 -0.31 3.87
C THR A 82 10.59 1.19 4.07
N SER A 83 9.46 1.88 4.20
CA SER A 83 9.41 3.34 4.31
C SER A 83 9.11 3.73 5.74
N VAL A 84 10.06 4.42 6.38
CA VAL A 84 9.96 4.77 7.81
C VAL A 84 9.70 6.26 7.95
N ASN A 85 8.71 6.61 8.78
CA ASN A 85 8.49 7.98 9.27
C ASN A 85 8.24 8.96 8.14
N HIS A 86 9.14 9.91 7.89
CA HIS A 86 8.94 10.91 6.85
C HIS A 86 9.14 10.35 5.44
N VAL A 87 9.61 9.11 5.29
CA VAL A 87 9.68 8.51 3.96
C VAL A 87 8.27 8.22 3.49
N VAL A 88 7.92 8.72 2.31
CA VAL A 88 6.58 8.56 1.76
C VAL A 88 6.43 7.18 1.12
N CYS A 89 7.40 6.78 0.33
CA CYS A 89 7.35 5.51 -0.38
C CYS A 89 8.74 5.18 -0.87
N HIS A 90 8.92 3.92 -1.28
CA HIS A 90 10.14 3.45 -1.93
C HIS A 90 11.35 3.46 -1.01
N GLY A 91 11.16 3.36 0.31
CA GLY A 91 12.29 3.23 1.20
C GLY A 91 13.04 1.94 0.92
N ILE A 92 14.37 2.03 0.89
CA ILE A 92 15.22 0.92 0.50
C ILE A 92 15.66 0.18 1.76
N PRO A 93 15.41 -1.13 1.88
CA PRO A 93 15.89 -1.87 3.05
C PRO A 93 17.41 -1.72 3.20
N SER A 94 17.86 -1.58 4.44
CA SER A 94 19.24 -1.26 4.71
C SER A 94 19.67 -1.88 6.04
N GLU A 95 20.91 -2.36 6.09
CA GLU A 95 21.46 -2.85 7.35
C GLU A 95 21.69 -1.73 8.35
N ASN A 96 21.70 -0.48 7.89
CA ASN A 96 21.97 0.66 8.76
C ASN A 96 20.70 1.34 9.26
N LYS A 97 19.52 0.99 8.73
CA LYS A 97 18.26 1.57 9.18
C LYS A 97 17.69 0.69 10.28
N ILE A 98 17.86 1.13 11.52
CA ILE A 98 17.50 0.35 12.70
C ILE A 98 16.20 0.92 13.25
N LEU A 99 15.18 0.07 13.38
CA LEU A 99 13.89 0.53 13.89
C LEU A 99 13.98 0.83 15.37
N LYS A 100 13.17 1.79 15.81
CA LYS A 100 13.10 2.15 17.21
C LYS A 100 11.64 2.30 17.58
N ASN A 101 11.35 2.13 18.86
CA ASN A 101 9.97 2.26 19.34
C ASN A 101 9.43 3.64 18.97
N GLY A 102 8.20 3.66 18.46
CA GLY A 102 7.57 4.90 18.04
C GLY A 102 7.67 5.17 16.56
N ASP A 103 8.63 4.53 15.87
CA ASP A 103 8.66 4.63 14.41
C ASP A 103 7.36 4.09 13.82
N ILE A 104 6.95 4.69 12.70
CA ILE A 104 5.92 4.10 11.86
C ILE A 104 6.58 3.62 10.59
N LEU A 105 6.25 2.39 10.22
CA LEU A 105 6.92 1.70 9.14
C LEU A 105 5.86 1.25 8.16
N ASN A 106 6.07 1.53 6.88
CA ASN A 106 5.26 0.92 5.82
C ASN A 106 6.10 -0.17 5.18
N ILE A 107 5.52 -1.36 5.04
CA ILE A 107 6.11 -2.41 4.22
C ILE A 107 5.22 -2.56 3.02
N ASP A 108 5.82 -2.45 1.83
CA ASP A 108 5.14 -2.56 0.55
C ASP A 108 5.69 -3.78 -0.18
N VAL A 109 4.79 -4.66 -0.62
CA VAL A 109 5.20 -5.91 -1.27
C VAL A 109 4.34 -6.14 -2.50
N THR A 110 4.98 -6.70 -3.52
CA THR A 110 4.32 -7.28 -4.67
C THR A 110 4.74 -8.74 -4.74
N VAL A 111 3.77 -9.65 -4.86
CA VAL A 111 4.08 -11.07 -5.07
C VAL A 111 3.56 -11.46 -6.45
N ILE A 112 4.42 -12.09 -7.23
CA ILE A 112 4.08 -12.58 -8.56
C ILE A 112 3.96 -14.10 -8.51
N LYS A 113 2.84 -14.62 -8.99
CA LYS A 113 2.65 -16.06 -9.06
C LYS A 113 1.92 -16.37 -10.36
N ASP A 114 2.56 -17.19 -11.21
CA ASP A 114 1.96 -17.66 -12.46
C ASP A 114 1.52 -16.51 -13.35
N GLY A 115 2.35 -15.47 -13.42
CA GLY A 115 2.14 -14.39 -14.36
C GLY A 115 1.29 -13.24 -13.86
N TYR A 116 0.75 -13.33 -12.65
CA TYR A 116 -0.11 -12.30 -12.12
C TYR A 116 0.35 -11.93 -10.72
N HIS A 117 0.06 -10.70 -10.30
CA HIS A 117 0.67 -10.21 -9.08
C HIS A 117 -0.35 -9.58 -8.15
N GLY A 118 -0.03 -9.65 -6.87
CA GLY A 118 -0.83 -9.02 -5.83
C GLY A 118 0.01 -7.95 -5.16
N ASP A 119 -0.60 -6.80 -4.93
CA ASP A 119 0.08 -5.59 -4.46
C ASP A 119 -0.58 -5.08 -3.19
N THR A 120 0.19 -4.94 -2.11
CA THR A 120 -0.41 -4.43 -0.87
C THR A 120 0.67 -3.86 0.02
N ASN A 121 0.27 -2.92 0.89
CA ASN A 121 1.20 -2.40 1.87
C ASN A 121 0.40 -1.96 3.08
N MET A 122 1.08 -1.86 4.23
CA MET A 122 0.37 -1.38 5.42
C MET A 122 1.39 -0.78 6.37
N MET A 123 0.86 -0.05 7.35
CA MET A 123 1.67 0.54 8.41
C MET A 123 1.82 -0.40 9.60
N TYR A 124 2.97 -0.26 10.26
CA TYR A 124 3.29 -0.92 11.52
C TYR A 124 3.83 0.13 12.47
N ILE A 125 3.41 0.06 13.73
CA ILE A 125 3.89 0.96 14.78
C ILE A 125 4.88 0.16 15.61
N VAL A 126 6.16 0.54 15.55
CA VAL A 126 7.22 -0.25 16.17
C VAL A 126 7.06 -0.17 17.68
N GLY A 127 6.91 -1.33 18.32
CA GLY A 127 6.71 -1.38 19.75
C GLY A 127 5.30 -1.14 20.22
N GLY A 128 4.37 -0.83 19.30
CA GLY A 128 2.97 -0.74 19.61
C GLY A 128 2.51 0.62 20.09
N GLU A 129 3.42 1.54 20.32
CA GLU A 129 3.09 2.86 20.85
C GLU A 129 3.81 3.91 20.01
N THR A 130 3.13 5.05 19.82
CA THR A 130 3.76 6.17 19.15
C THR A 130 3.00 7.42 19.56
N SER A 131 3.30 8.55 18.91
CA SER A 131 2.69 9.81 19.33
C SER A 131 1.21 9.83 18.99
N ILE A 132 0.49 10.74 19.66
CA ILE A 132 -0.91 11.00 19.29
C ILE A 132 -1.02 11.22 17.80
N LEU A 133 -0.16 12.08 17.25
CA LEU A 133 -0.27 12.44 15.83
CA LEU A 133 -0.22 12.45 15.83
C LEU A 133 0.06 11.26 14.93
N ALA A 134 1.11 10.49 15.24
CA ALA A 134 1.46 9.38 14.37
C ALA A 134 0.38 8.31 14.36
N ASN A 135 -0.20 8.02 15.52
CA ASN A 135 -1.33 7.08 15.56
C ASN A 135 -2.48 7.55 14.69
N ARG A 136 -2.83 8.83 14.82
CA ARG A 136 -3.94 9.39 14.06
C ARG A 136 -3.65 9.36 12.56
N LEU A 137 -2.42 9.69 12.18
CA LEU A 137 -2.03 9.68 10.78
C LEU A 137 -2.22 8.30 10.16
N CYS A 138 -1.77 7.25 10.87
CA CYS A 138 -1.95 5.89 10.34
C CYS A 138 -3.40 5.52 10.24
N LYS A 139 -4.20 5.84 11.26
CA LYS A 139 -5.61 5.48 11.22
C LYS A 139 -6.35 6.24 10.12
N VAL A 140 -6.04 7.52 9.94
CA VAL A 140 -6.66 8.31 8.88
C VAL A 140 -6.27 7.76 7.51
N ALA A 141 -5.00 7.38 7.33
CA ALA A 141 -4.58 6.82 6.05
C ALA A 141 -5.32 5.54 5.74
N GLN A 142 -5.50 4.67 6.73
CA GLN A 142 -6.20 3.41 6.47
C GLN A 142 -7.68 3.68 6.15
N GLU A 143 -8.32 4.54 6.94
CA GLU A 143 -9.71 4.87 6.68
C GLU A 143 -9.88 5.57 5.33
N ALA A 144 -8.89 6.37 4.93
CA ALA A 144 -8.95 7.03 3.63
C ALA A 144 -8.97 6.00 2.50
N MET A 145 -8.09 5.00 2.59
CA MET A 145 -8.14 3.92 1.61
C MET A 145 -9.52 3.27 1.57
N TYR A 146 -10.06 2.93 2.74
CA TYR A 146 -11.37 2.31 2.80
C TYR A 146 -12.45 3.20 2.18
N ARG A 147 -12.39 4.51 2.44
CA ARG A 147 -13.40 5.40 1.86
C ARG A 147 -13.34 5.40 0.34
N GLY A 148 -12.12 5.37 -0.20
CA GLY A 148 -11.98 5.24 -1.65
C GLY A 148 -12.50 3.92 -2.16
N MET A 149 -12.15 2.81 -1.48
CA MET A 149 -12.66 1.49 -1.85
C MET A 149 -14.18 1.43 -1.80
N ALA A 150 -14.80 2.16 -0.85
CA ALA A 150 -16.24 2.09 -0.69
C ALA A 150 -17.01 2.66 -1.87
N THR A 151 -16.36 3.48 -2.72
CA THR A 151 -17.06 4.02 -3.87
C THR A 151 -17.15 3.04 -5.03
N VAL A 152 -16.40 1.94 -4.99
CA VAL A 152 -16.15 1.14 -6.18
C VAL A 152 -17.22 0.07 -6.35
N ARG A 153 -17.77 -0.02 -7.56
CA ARG A 153 -18.69 -1.06 -7.98
C ARG A 153 -18.86 -0.90 -9.48
N ASP A 154 -19.42 -1.93 -10.13
CA ASP A 154 -19.73 -1.79 -11.53
C ASP A 154 -20.61 -0.56 -11.72
N GLY A 155 -20.18 0.33 -12.61
CA GLY A 155 -20.93 1.54 -12.91
C GLY A 155 -20.47 2.77 -12.15
N SER A 156 -19.58 2.62 -11.16
CA SER A 156 -19.01 3.79 -10.51
C SER A 156 -17.91 4.38 -11.39
N TYR A 157 -17.31 5.47 -10.95
CA TYR A 157 -16.30 6.16 -11.75
C TYR A 157 -14.95 6.18 -11.03
N LEU A 158 -13.89 6.16 -11.83
CA LEU A 158 -12.55 6.19 -11.27
C LEU A 158 -12.34 7.43 -10.41
N GLY A 159 -12.89 8.57 -10.83
CA GLY A 159 -12.70 9.81 -10.09
C GLY A 159 -13.38 9.81 -8.74
N ASP A 160 -14.40 8.96 -8.56
CA ASP A 160 -15.05 8.84 -7.25
C ASP A 160 -14.05 8.45 -6.17
N ILE A 161 -13.04 7.66 -6.54
CA ILE A 161 -12.10 7.13 -5.56
C ILE A 161 -11.25 8.26 -4.98
N GLY A 162 -10.53 8.97 -5.84
CA GLY A 162 -9.72 10.07 -5.37
C GLY A 162 -10.52 11.16 -4.69
N HIS A 163 -11.73 11.42 -5.19
CA HIS A 163 -12.55 12.45 -4.54
C HIS A 163 -12.90 12.03 -3.11
N ALA A 164 -13.30 10.78 -2.92
CA ALA A 164 -13.63 10.31 -1.57
C ALA A 164 -12.41 10.40 -0.66
N ILE A 165 -11.25 9.98 -1.16
CA ILE A 165 -10.02 10.02 -0.37
C ILE A 165 -9.67 11.45 0.00
N GLN A 166 -9.62 12.34 -0.99
CA GLN A 166 -9.15 13.70 -0.72
C GLN A 166 -10.10 14.44 0.20
N LYS A 167 -11.40 14.33 -0.05
CA LYS A 167 -12.37 14.98 0.82
C LYS A 167 -12.20 14.55 2.27
N TYR A 168 -12.02 13.24 2.48
CA TYR A 168 -11.89 12.74 3.84
C TYR A 168 -10.59 13.17 4.49
N VAL A 169 -9.47 12.99 3.79
CA VAL A 169 -8.16 13.32 4.37
C VAL A 169 -8.10 14.79 4.75
N GLU A 170 -8.57 15.67 3.87
CA GLU A 170 -8.50 17.09 4.19
C GLU A 170 -9.46 17.45 5.32
N SER A 171 -10.59 16.74 5.42
CA SER A 171 -11.47 16.98 6.57
C SER A 171 -10.80 16.59 7.88
N GLU A 172 -9.82 15.69 7.83
CA GLU A 172 -9.04 15.29 9.00
C GLU A 172 -7.78 16.12 9.17
N ARG A 173 -7.65 17.21 8.41
CA ARG A 173 -6.55 18.18 8.55
C ARG A 173 -5.19 17.56 8.23
N PHE A 174 -5.16 16.59 7.32
CA PHE A 174 -3.93 16.07 6.74
C PHE A 174 -3.93 16.38 5.24
N SER A 175 -2.83 16.04 4.57
CA SER A 175 -2.65 16.32 3.14
CA SER A 175 -2.72 16.31 3.14
C SER A 175 -2.55 15.01 2.37
N VAL A 176 -3.02 15.01 1.12
CA VAL A 176 -2.87 13.86 0.23
C VAL A 176 -1.70 14.10 -0.70
N VAL A 177 -0.82 13.09 -0.83
CA VAL A 177 0.21 13.15 -1.87
C VAL A 177 -0.49 13.10 -3.22
N ARG A 178 -0.18 14.06 -4.09
CA ARG A 178 -0.98 14.27 -5.28
C ARG A 178 -0.55 13.41 -6.47
N GLU A 179 0.62 12.78 -6.41
CA GLU A 179 1.09 11.97 -7.54
C GLU A 179 0.01 11.02 -8.03
N TYR A 180 -0.55 10.21 -7.13
CA TYR A 180 -1.57 9.24 -7.50
C TYR A 180 -2.23 8.71 -6.24
N CYS A 181 -3.39 8.07 -6.41
CA CYS A 181 -4.01 7.32 -5.33
C CYS A 181 -4.22 5.86 -5.69
N GLY A 182 -3.74 5.41 -6.85
CA GLY A 182 -3.90 4.03 -7.27
C GLY A 182 -3.42 3.86 -8.70
N HIS A 183 -3.44 2.60 -9.15
CA HIS A 183 -3.02 2.24 -10.49
C HIS A 183 -3.79 1.02 -10.95
N GLY A 184 -4.02 0.93 -12.26
CA GLY A 184 -4.44 -0.34 -12.83
C GLY A 184 -3.44 -1.43 -12.54
N ILE A 185 -3.92 -2.66 -12.45
CA ILE A 185 -3.07 -3.80 -12.10
C ILE A 185 -3.45 -4.98 -12.99
N GLY A 186 -2.45 -5.66 -13.51
CA GLY A 186 -2.69 -6.79 -14.39
C GLY A 186 -1.44 -7.57 -14.70
N THR A 187 -0.88 -7.34 -15.89
CA THR A 187 0.27 -8.09 -16.42
C THR A 187 -0.09 -9.56 -16.60
N GLN A 194 -2.56 2.66 -16.41
CA GLN A 194 -3.60 3.50 -15.83
C GLN A 194 -3.20 3.98 -14.43
N VAL A 195 -3.16 5.30 -14.24
CA VAL A 195 -2.81 5.92 -12.97
C VAL A 195 -4.03 6.65 -12.44
N LEU A 196 -4.39 6.36 -11.19
CA LEU A 196 -5.53 7.01 -10.55
C LEU A 196 -5.10 8.35 -9.98
N HIS A 197 -5.77 9.42 -10.39
CA HIS A 197 -5.44 10.77 -9.96
C HIS A 197 -6.58 11.35 -9.14
N TYR A 198 -6.27 12.43 -8.42
CA TYR A 198 -7.29 13.15 -7.66
C TYR A 198 -8.00 14.15 -8.56
N GLY A 199 -9.31 14.11 -8.54
CA GLY A 199 -10.12 15.02 -9.32
C GLY A 199 -11.52 15.06 -8.75
N GLN A 200 -12.48 15.36 -9.61
CA GLN A 200 -13.87 15.44 -9.20
C GLN A 200 -14.53 14.07 -9.31
N ALA A 201 -15.56 13.86 -8.49
CA ALA A 201 -16.37 12.66 -8.62
C ALA A 201 -17.07 12.64 -9.97
N GLY A 202 -17.36 11.43 -10.46
CA GLY A 202 -17.99 11.29 -11.76
C GLY A 202 -17.05 11.46 -12.93
N THR A 203 -15.78 11.77 -12.69
CA THR A 203 -14.80 11.89 -13.75
C THR A 203 -14.05 10.58 -13.94
N GLY A 204 -13.36 10.48 -15.06
CA GLY A 204 -12.57 9.31 -15.34
C GLY A 204 -13.40 8.15 -15.86
N MET A 205 -12.72 7.02 -16.00
CA MET A 205 -13.30 5.84 -16.61
C MET A 205 -14.43 5.26 -15.75
N ARG A 206 -15.52 4.88 -16.41
CA ARG A 206 -16.58 4.15 -15.72
C ARG A 206 -16.09 2.73 -15.44
N LEU A 207 -16.30 2.27 -14.21
CA LEU A 207 -15.79 0.97 -13.80
C LEU A 207 -16.76 -0.14 -14.19
N GLU A 208 -16.19 -1.29 -14.51
CA GLU A 208 -16.95 -2.47 -14.90
C GLU A 208 -16.47 -3.67 -14.10
N ALA A 209 -17.40 -4.57 -13.80
CA ALA A 209 -17.05 -5.81 -13.09
C ALA A 209 -15.95 -6.54 -13.85
N GLY A 210 -14.94 -7.00 -13.12
CA GLY A 210 -13.81 -7.67 -13.73
C GLY A 210 -12.57 -6.82 -13.86
N MET A 211 -12.68 -5.51 -13.68
CA MET A 211 -11.50 -4.67 -13.64
C MET A 211 -10.77 -4.85 -12.30
N THR A 212 -9.45 -4.67 -12.34
CA THR A 212 -8.64 -4.77 -11.13
C THR A 212 -7.70 -3.57 -11.06
N PHE A 213 -7.50 -3.06 -9.85
CA PHE A 213 -6.49 -2.03 -9.66
C PHE A 213 -6.14 -1.96 -8.19
N THR A 214 -5.18 -1.10 -7.89
CA THR A 214 -4.80 -0.84 -6.51
C THR A 214 -5.32 0.51 -6.07
N ILE A 215 -5.63 0.62 -4.79
CA ILE A 215 -5.99 1.88 -4.16
C ILE A 215 -4.98 2.07 -3.04
N GLU A 216 -4.26 3.18 -3.08
CA GLU A 216 -3.09 3.30 -2.20
C GLU A 216 -2.77 4.75 -1.84
N PRO A 217 -3.69 5.46 -1.21
CA PRO A 217 -3.43 6.87 -0.91
C PRO A 217 -2.30 7.03 0.10
N MET A 218 -1.49 8.06 -0.12
CA MET A 218 -0.42 8.42 0.79
C MET A 218 -0.84 9.71 1.48
N VAL A 219 -0.74 9.73 2.81
CA VAL A 219 -1.25 10.84 3.61
C VAL A 219 -0.07 11.45 4.38
N ASN A 220 0.12 12.76 4.23
CA ASN A 220 1.22 13.46 4.90
C ASN A 220 0.67 14.24 6.10
N ALA A 221 1.49 14.29 7.17
CA ALA A 221 1.10 15.08 8.34
C ALA A 221 1.23 16.58 8.08
N GLY A 222 2.05 16.99 7.13
CA GLY A 222 2.25 18.39 6.83
C GLY A 222 1.88 18.76 5.42
N VAL A 223 2.80 19.37 4.68
CA VAL A 223 2.52 19.76 3.29
C VAL A 223 2.31 18.51 2.44
N TRP A 224 1.65 18.70 1.29
CA TRP A 224 1.45 17.56 0.41
C TRP A 224 2.63 17.32 -0.51
N GLN A 225 3.52 18.30 -0.66
CA GLN A 225 4.67 18.18 -1.54
C GLN A 225 5.64 17.12 -1.04
N THR A 226 6.30 16.45 -1.99
CA THR A 226 7.31 15.44 -1.72
C THR A 226 8.58 15.81 -2.46
N LYS A 227 9.65 15.07 -2.17
CA LYS A 227 10.88 15.25 -2.92
C LYS A 227 11.57 13.90 -3.04
N LEU A 228 12.31 13.76 -4.13
CA LEU A 228 13.05 12.54 -4.42
C LEU A 228 14.46 12.69 -3.90
N LEU A 229 14.96 11.68 -3.20
CA LEU A 229 16.27 11.77 -2.60
C LEU A 229 17.35 11.60 -3.66
N GLY A 230 18.61 11.81 -3.23
CA GLY A 230 19.72 11.72 -4.16
C GLY A 230 19.83 10.39 -4.86
N ASP A 231 19.35 9.32 -4.21
CA ASP A 231 19.40 7.99 -4.82
C ASP A 231 18.41 7.84 -5.96
N LYS A 232 17.69 8.90 -6.33
CA LYS A 232 16.75 8.88 -7.45
C LYS A 232 15.64 7.84 -7.25
N TRP A 233 15.33 7.52 -5.99
CA TRP A 233 14.38 6.45 -5.72
C TRP A 233 13.50 6.75 -4.51
N THR A 234 14.11 7.03 -3.37
CA THR A 234 13.37 7.24 -2.13
C THR A 234 12.63 8.57 -2.17
N VAL A 235 11.36 8.55 -1.78
CA VAL A 235 10.50 9.74 -1.78
C VAL A 235 10.20 10.11 -0.34
N VAL A 236 10.42 11.38 0.01
CA VAL A 236 10.20 11.87 1.36
C VAL A 236 9.30 13.09 1.31
N THR A 237 8.66 13.39 2.44
CA THR A 237 7.89 14.63 2.52
C THR A 237 8.81 15.82 2.37
N LYS A 238 8.28 16.90 1.78
CA LYS A 238 9.11 18.08 1.56
C LYS A 238 9.47 18.74 2.88
N ASP A 239 8.63 18.62 3.89
CA ASP A 239 8.84 19.32 5.15
C ASP A 239 9.32 18.40 6.26
N HIS A 240 9.69 17.17 5.92
CA HIS A 240 10.23 16.18 6.85
C HIS A 240 9.23 15.77 7.92
N LYS A 241 7.93 16.00 7.69
CA LYS A 241 6.94 15.50 8.62
C LYS A 241 6.54 14.07 8.22
N LEU A 242 5.72 13.43 9.07
CA LEU A 242 5.39 12.03 8.87
C LEU A 242 4.48 11.81 7.66
N SER A 243 4.55 10.58 7.12
CA SER A 243 3.69 10.17 6.02
C SER A 243 3.29 8.71 6.24
N ALA A 244 2.04 8.37 5.89
CA ALA A 244 1.54 7.02 6.05
C ALA A 244 0.75 6.62 4.82
N GLN A 245 0.74 5.31 4.55
CA GLN A 245 0.10 4.76 3.36
C GLN A 245 -0.43 3.37 3.68
N TYR A 246 -1.54 3.01 3.02
CA TYR A 246 -1.99 1.62 2.94
C TYR A 246 -2.34 1.33 1.49
N GLU A 247 -2.33 0.04 1.12
CA GLU A 247 -2.66 -0.35 -0.24
C GLU A 247 -3.43 -1.66 -0.27
N HIS A 248 -4.45 -1.74 -1.13
CA HIS A 248 -5.08 -3.00 -1.47
C HIS A 248 -5.19 -3.15 -2.98
N THR A 249 -5.12 -4.41 -3.43
CA THR A 249 -5.54 -4.78 -4.78
C THR A 249 -7.00 -5.17 -4.75
N ILE A 250 -7.82 -4.56 -5.62
CA ILE A 250 -9.25 -4.82 -5.58
C ILE A 250 -9.74 -5.31 -6.93
N LEU A 251 -10.78 -6.12 -6.89
CA LEU A 251 -11.51 -6.59 -8.05
C LEU A 251 -12.90 -5.96 -8.03
N VAL A 252 -13.29 -5.33 -9.14
CA VAL A 252 -14.62 -4.73 -9.24
C VAL A 252 -15.64 -5.83 -9.49
N THR A 253 -16.76 -5.79 -8.78
CA THR A 253 -17.84 -6.74 -9.00
C THR A 253 -19.11 -5.97 -9.36
N LYS A 254 -20.16 -6.73 -9.70
CA LYS A 254 -21.44 -6.11 -10.05
C LYS A 254 -22.02 -5.33 -8.87
N THR A 255 -21.73 -5.74 -7.63
CA THR A 255 -22.33 -5.13 -6.46
C THR A 255 -21.34 -4.43 -5.56
N GLY A 256 -20.05 -4.47 -5.87
CA GLY A 256 -19.06 -3.83 -5.01
C GLY A 256 -17.66 -4.21 -5.39
N ILE A 257 -16.87 -4.72 -4.44
CA ILE A 257 -15.52 -5.16 -4.71
C ILE A 257 -15.26 -6.50 -4.05
N GLU A 258 -14.19 -7.14 -4.51
CA GLU A 258 -13.50 -8.17 -3.76
C GLU A 258 -12.10 -7.64 -3.44
N VAL A 259 -11.74 -7.67 -2.16
CA VAL A 259 -10.44 -7.15 -1.72
C VAL A 259 -9.44 -8.31 -1.78
N LEU A 260 -8.67 -8.36 -2.87
CA LEU A 260 -7.86 -9.55 -3.14
C LEU A 260 -6.73 -9.70 -2.14
N THR A 261 -6.30 -8.59 -1.54
CA THR A 261 -5.21 -8.59 -0.57
C THR A 261 -5.70 -8.40 0.85
N ALA A 262 -6.99 -8.63 1.11
CA ALA A 262 -7.52 -8.50 2.46
C ALA A 262 -6.82 -9.46 3.42
N ARG A 263 -6.52 -8.96 4.64
CA ARG A 263 -5.94 -9.83 5.65
C ARG A 263 -7.05 -10.41 6.53
N PRO A 264 -6.88 -11.64 7.00
CA PRO A 264 -8.00 -12.32 7.68
C PRO A 264 -8.50 -11.59 8.91
N GLU A 265 -7.61 -11.06 9.73
CA GLU A 265 -8.03 -10.30 10.90
C GLU A 265 -8.22 -8.83 10.59
N GLU A 266 -8.35 -8.46 9.31
CA GLU A 266 -8.57 -7.08 8.91
C GLU A 266 -10.07 -6.81 8.87
N ASP A 267 -10.52 -5.86 9.68
CA ASP A 267 -11.95 -5.56 9.80
C ASP A 267 -12.34 -4.67 8.63
N LEU A 268 -13.01 -5.25 7.65
CA LEU A 268 -13.66 -4.51 6.58
C LEU A 268 -15.14 -4.29 6.90
N SER A 269 -15.45 -4.10 8.18
CA SER A 269 -16.80 -4.10 8.76
C SER A 269 -17.60 -5.31 8.27
#